data_1IZE
#
_entry.id   1IZE
#
_cell.length_a   106.767
_cell.length_b   38.627
_cell.length_c   78.732
_cell.angle_alpha   90.00
_cell.angle_beta   120.31
_cell.angle_gamma   90.00
#
_symmetry.space_group_name_H-M   'C 1 2 1'
#
loop_
_entity.id
_entity.type
_entity.pdbx_description
1 polymer 'aspartic proteinase'
2 polymer Pepstatin
3 non-polymer alpha-D-mannopyranose
4 water water
#
loop_
_entity_poly.entity_id
_entity_poly.type
_entity_poly.pdbx_seq_one_letter_code
_entity_poly.pdbx_strand_id
1 'polypeptide(L)'
;AATGSVTTNPTSNDEEYITQVTVGDDTLGLDFDTGSADLWVFSSQTPSSERSGHDYYTPGSSAQKIDGATWSISYGDGSS
ASGDVYKDKVTVGGVSYDSQAVESAEKVSSEFTQDTANDGLLGLAFSSINTVQPTPQKTFFDNVKSSLSEPIFAVALKHN
APGVYDFGYTDSSKYTGSITYTDVDNSQGFWGFTADGYSIGSDSSSDSITGIADTGTTLLLLDDSIVDAYYEQVNGASYD
SSQGGYVFPSSASLPDFSVTIGDYTATVPGEYISFADVGNGQTFGGIQSNSGIGFSIFGDVFLKSQYVVFDASGPRLGFA
AQA
;
A
2 'polypeptide(L)' (IVA)VV(STA)A(STA) B
#
loop_
_chem_comp.id
_chem_comp.type
_chem_comp.name
_chem_comp.formula
IVA non-polymer 'ISOVALERIC ACID' 'C5 H10 O2'
MAN D-saccharide, alpha linking alpha-D-mannopyranose 'C6 H12 O6'
STA peptide-like STATINE 'C8 H17 N O3'
#
# COMPACT_ATOMS: atom_id res chain seq x y z
N ALA A 1 2.83 -22.89 7.85
CA ALA A 1 2.48 -22.75 9.29
C ALA A 1 1.19 -21.97 9.47
N ALA A 2 0.78 -21.78 10.72
CA ALA A 2 -0.44 -21.03 11.02
C ALA A 2 -0.14 -19.54 11.15
N THR A 3 1.15 -19.20 11.16
CA THR A 3 1.61 -17.82 11.26
C THR A 3 2.84 -17.65 10.38
N GLY A 4 3.15 -16.41 10.04
CA GLY A 4 4.32 -16.16 9.21
C GLY A 4 4.64 -14.68 9.17
N SER A 5 5.89 -14.36 8.83
CA SER A 5 6.33 -13.00 8.74
C SER A 5 7.27 -12.91 7.54
N VAL A 6 7.43 -11.71 7.00
CA VAL A 6 8.30 -11.53 5.86
C VAL A 6 8.79 -10.10 5.83
N THR A 7 10.03 -9.91 5.41
CA THR A 7 10.64 -8.58 5.35
C THR A 7 10.14 -7.78 4.16
N THR A 8 9.97 -6.47 4.36
CA THR A 8 9.56 -5.59 3.27
C THR A 8 10.54 -4.42 3.29
N ASN A 9 11.06 -4.05 2.13
CA ASN A 9 12.02 -2.97 2.02
C ASN A 9 11.57 -1.83 1.12
N PRO A 10 11.77 -0.58 1.56
CA PRO A 10 11.36 0.55 0.73
C PRO A 10 12.31 0.78 -0.45
N THR A 11 11.79 1.36 -1.52
CA THR A 11 12.65 1.71 -2.65
C THR A 11 13.09 3.12 -2.29
N SER A 12 13.83 3.79 -3.16
CA SER A 12 14.28 5.14 -2.86
C SER A 12 13.15 6.09 -2.47
N ASN A 13 13.42 6.97 -1.52
CA ASN A 13 12.45 7.95 -1.03
C ASN A 13 11.22 7.30 -0.42
N ASP A 14 11.30 6.01 -0.11
CA ASP A 14 10.15 5.27 0.43
C ASP A 14 8.95 5.43 -0.52
N GLU A 15 9.21 5.42 -1.83
CA GLU A 15 8.12 5.58 -2.79
C GLU A 15 7.18 4.37 -2.75
N GLU A 16 7.76 3.19 -2.58
CA GLU A 16 6.97 1.96 -2.47
C GLU A 16 7.76 0.94 -1.69
N TYR A 17 7.09 -0.11 -1.24
CA TYR A 17 7.76 -1.15 -0.47
C TYR A 17 7.70 -2.48 -1.22
N ILE A 18 8.85 -3.15 -1.29
CA ILE A 18 8.98 -4.42 -2.00
C ILE A 18 9.19 -5.60 -1.06
N THR A 19 8.49 -6.69 -1.34
CA THR A 19 8.54 -7.90 -0.54
C THR A 19 8.83 -9.11 -1.43
N GLN A 20 9.81 -9.93 -1.05
CA GLN A 20 10.15 -11.12 -1.83
C GLN A 20 9.09 -12.20 -1.61
N VAL A 21 8.63 -12.78 -2.71
CA VAL A 21 7.61 -13.83 -2.68
C VAL A 21 7.99 -14.91 -3.68
N THR A 22 7.61 -16.15 -3.40
CA THR A 22 7.91 -17.24 -4.31
C THR A 22 6.66 -17.58 -5.11
N VAL A 23 6.72 -17.37 -6.43
CA VAL A 23 5.61 -17.67 -7.31
C VAL A 23 6.07 -18.80 -8.22
N GLY A 24 5.51 -19.99 -8.01
CA GLY A 24 5.92 -21.14 -8.80
C GLY A 24 7.32 -21.49 -8.35
N ASP A 25 8.28 -21.42 -9.27
CA ASP A 25 9.67 -21.73 -8.95
C ASP A 25 10.48 -20.44 -8.90
N ASP A 26 9.80 -19.32 -9.12
CA ASP A 26 10.47 -18.02 -9.15
C ASP A 26 10.23 -17.14 -7.92
N THR A 27 11.29 -16.47 -7.48
CA THR A 27 11.22 -15.57 -6.35
C THR A 27 11.21 -14.15 -6.94
N LEU A 28 10.14 -13.42 -6.67
CA LEU A 28 9.99 -12.07 -7.22
C LEU A 28 9.73 -11.04 -6.13
N GLY A 29 10.05 -9.78 -6.44
CA GLY A 29 9.81 -8.71 -5.49
C GLY A 29 8.46 -8.10 -5.86
N LEU A 30 7.51 -8.20 -4.95
CA LEU A 30 6.17 -7.66 -5.21
C LEU A 30 5.80 -6.54 -4.26
N ASP A 31 4.95 -5.63 -4.75
CA ASP A 31 4.47 -4.48 -4.00
C ASP A 31 3.15 -4.93 -3.33
N PHE A 32 3.17 -5.10 -2.02
CA PHE A 32 1.97 -5.51 -1.28
C PHE A 32 1.05 -4.30 -1.23
N ASP A 33 -0.09 -4.42 -1.90
CA ASP A 33 -1.04 -3.30 -2.02
C ASP A 33 -2.44 -3.55 -1.44
N THR A 34 -2.72 -2.96 -0.28
CA THR A 34 -4.04 -3.12 0.34
C THR A 34 -5.08 -2.28 -0.39
N GLY A 35 -4.66 -1.65 -1.50
CA GLY A 35 -5.56 -0.83 -2.28
C GLY A 35 -6.05 -1.51 -3.56
N SER A 36 -5.77 -2.80 -3.72
CA SER A 36 -6.22 -3.55 -4.88
C SER A 36 -6.32 -5.03 -4.52
N ALA A 37 -7.01 -5.80 -5.36
CA ALA A 37 -7.18 -7.22 -5.06
C ALA A 37 -6.71 -8.17 -6.16
N ASP A 38 -5.73 -7.73 -6.96
CA ASP A 38 -5.18 -8.55 -8.04
C ASP A 38 -3.70 -8.83 -7.79
N LEU A 39 -3.31 -10.10 -7.90
CA LEU A 39 -1.92 -10.49 -7.74
C LEU A 39 -1.40 -10.71 -9.16
N TRP A 40 -0.63 -9.75 -9.68
CA TRP A 40 -0.10 -9.89 -11.02
C TRP A 40 1.41 -9.77 -11.04
N VAL A 41 2.05 -10.44 -11.99
CA VAL A 41 3.50 -10.42 -12.07
C VAL A 41 4.02 -10.21 -13.49
N PHE A 42 5.27 -9.75 -13.59
CA PHE A 42 5.94 -9.62 -14.87
C PHE A 42 6.18 -11.09 -15.17
N SER A 43 6.05 -11.50 -16.43
CA SER A 43 6.25 -12.90 -16.75
C SER A 43 6.92 -13.13 -18.10
N SER A 44 6.99 -14.39 -18.50
CA SER A 44 7.60 -14.76 -19.77
C SER A 44 6.72 -14.28 -20.93
N GLN A 45 5.48 -13.88 -20.61
CA GLN A 45 4.55 -13.39 -21.62
C GLN A 45 4.67 -11.88 -21.78
N THR A 46 5.33 -11.23 -20.84
CA THR A 46 5.51 -9.79 -20.90
C THR A 46 6.53 -9.48 -22.01
N PRO A 47 6.22 -8.52 -22.90
CA PRO A 47 7.16 -8.19 -23.98
C PRO A 47 8.55 -7.92 -23.41
N SER A 48 9.58 -8.44 -24.06
CA SER A 48 10.96 -8.28 -23.61
C SER A 48 11.36 -6.82 -23.37
N SER A 49 10.87 -5.91 -24.19
CA SER A 49 11.20 -4.50 -24.03
C SER A 49 10.63 -3.92 -22.74
N GLU A 50 9.50 -4.47 -22.29
CA GLU A 50 8.87 -3.98 -21.07
C GLU A 50 9.37 -4.64 -19.79
N ARG A 51 9.85 -5.88 -19.87
CA ARG A 51 10.34 -6.55 -18.67
C ARG A 51 11.85 -6.45 -18.47
N SER A 52 12.50 -5.70 -19.34
CA SER A 52 13.94 -5.50 -19.27
C SER A 52 14.40 -5.06 -17.88
N GLY A 53 15.31 -5.84 -17.28
CA GLY A 53 15.83 -5.49 -15.96
C GLY A 53 15.03 -6.03 -14.78
N HIS A 54 13.88 -6.64 -15.04
CA HIS A 54 13.05 -7.19 -13.97
C HIS A 54 13.17 -8.70 -13.91
N ASP A 55 12.96 -9.27 -12.72
CA ASP A 55 12.96 -10.72 -12.57
C ASP A 55 11.52 -11.04 -12.98
N TYR A 56 11.28 -12.21 -13.56
CA TYR A 56 9.92 -12.52 -13.97
C TYR A 56 9.48 -13.96 -13.74
N TYR A 57 8.16 -14.17 -13.85
CA TYR A 57 7.55 -15.47 -13.65
C TYR A 57 7.42 -16.29 -14.94
N THR A 58 7.86 -17.54 -14.86
CA THR A 58 7.75 -18.45 -16.01
C THR A 58 6.92 -19.63 -15.53
N PRO A 59 5.73 -19.84 -16.10
CA PRO A 59 4.84 -20.95 -15.73
C PRO A 59 5.55 -22.29 -15.85
N GLY A 60 5.60 -23.04 -14.75
CA GLY A 60 6.25 -24.33 -14.75
C GLY A 60 5.26 -25.48 -14.76
N SER A 61 5.70 -26.64 -14.26
CA SER A 61 4.85 -27.83 -14.23
C SER A 61 3.73 -27.77 -13.18
N SER A 62 3.89 -26.92 -12.17
CA SER A 62 2.86 -26.80 -11.15
C SER A 62 1.82 -25.77 -11.53
N ALA A 63 2.00 -25.14 -12.69
CA ALA A 63 1.08 -24.12 -13.16
C ALA A 63 0.01 -24.70 -14.08
N GLN A 64 -1.20 -24.16 -13.97
CA GLN A 64 -2.32 -24.58 -14.80
C GLN A 64 -3.05 -23.33 -15.26
N LYS A 65 -3.09 -23.12 -16.56
CA LYS A 65 -3.76 -21.95 -17.12
C LYS A 65 -5.27 -22.05 -17.05
N ILE A 66 -5.90 -20.92 -16.73
CA ILE A 66 -7.37 -20.85 -16.65
C ILE A 66 -7.86 -20.35 -17.99
N ASP A 67 -8.23 -21.27 -18.87
CA ASP A 67 -8.69 -20.92 -20.21
C ASP A 67 -9.82 -19.90 -20.28
N GLY A 68 -9.70 -18.96 -21.21
CA GLY A 68 -10.70 -17.94 -21.39
C GLY A 68 -10.71 -16.83 -20.36
N ALA A 69 -9.83 -16.91 -19.37
CA ALA A 69 -9.78 -15.90 -18.33
C ALA A 69 -8.82 -14.77 -18.69
N THR A 70 -9.24 -13.53 -18.39
CA THR A 70 -8.43 -12.36 -18.68
C THR A 70 -8.59 -11.36 -17.54
N TRP A 71 -7.66 -10.41 -17.46
CA TRP A 71 -7.71 -9.38 -16.43
C TRP A 71 -7.15 -8.08 -17.02
N SER A 72 -7.64 -6.96 -16.49
CA SER A 72 -7.21 -5.64 -16.95
C SER A 72 -7.49 -4.68 -15.80
N ILE A 73 -6.48 -3.93 -15.40
CA ILE A 73 -6.66 -3.02 -14.29
C ILE A 73 -6.07 -1.64 -14.56
N SER A 74 -6.70 -0.63 -13.96
CA SER A 74 -6.29 0.77 -14.09
C SER A 74 -6.19 1.33 -12.67
N TYR A 75 -5.06 1.95 -12.36
CA TYR A 75 -4.85 2.51 -11.02
C TYR A 75 -5.09 4.02 -10.93
N GLY A 76 -5.14 4.52 -9.70
CA GLY A 76 -5.40 5.93 -9.46
C GLY A 76 -4.44 6.92 -10.09
N ASP A 77 -3.20 6.49 -10.34
CA ASP A 77 -2.23 7.38 -10.95
C ASP A 77 -2.17 7.22 -12.46
N GLY A 78 -3.12 6.48 -13.02
CA GLY A 78 -3.17 6.28 -14.46
C GLY A 78 -2.41 5.09 -14.99
N SER A 79 -1.66 4.40 -14.13
CA SER A 79 -0.89 3.24 -14.56
C SER A 79 -1.83 2.07 -14.85
N SER A 80 -1.33 1.06 -15.56
CA SER A 80 -2.18 -0.07 -15.92
C SER A 80 -1.42 -1.33 -16.29
N ALA A 81 -2.15 -2.43 -16.41
CA ALA A 81 -1.59 -3.72 -16.79
C ALA A 81 -2.73 -4.68 -17.12
N SER A 82 -2.42 -5.72 -17.91
CA SER A 82 -3.44 -6.68 -18.29
C SER A 82 -2.77 -7.94 -18.82
N GLY A 83 -3.53 -9.03 -18.89
CA GLY A 83 -2.97 -10.27 -19.40
C GLY A 83 -3.91 -11.45 -19.18
N ASP A 84 -3.33 -12.63 -19.00
CA ASP A 84 -4.14 -13.83 -18.76
C ASP A 84 -3.91 -14.37 -17.36
N VAL A 85 -4.51 -15.53 -17.06
CA VAL A 85 -4.41 -16.08 -15.72
C VAL A 85 -3.98 -17.54 -15.61
N TYR A 86 -3.17 -17.81 -14.59
CA TYR A 86 -2.69 -19.16 -14.28
C TYR A 86 -2.94 -19.39 -12.78
N LYS A 87 -3.00 -20.66 -12.39
CA LYS A 87 -3.13 -21.00 -10.99
C LYS A 87 -1.81 -21.67 -10.67
N ASP A 88 -1.21 -21.33 -9.53
CA ASP A 88 0.08 -21.91 -9.17
C ASP A 88 0.30 -21.73 -7.68
N LYS A 89 1.38 -22.30 -7.17
CA LYS A 89 1.69 -22.19 -5.76
C LYS A 89 2.38 -20.87 -5.47
N VAL A 90 1.94 -20.20 -4.41
CA VAL A 90 2.52 -18.92 -4.00
C VAL A 90 2.86 -19.03 -2.52
N THR A 91 4.09 -18.71 -2.17
CA THR A 91 4.55 -18.78 -0.79
C THR A 91 5.03 -17.43 -0.29
N VAL A 92 4.51 -17.01 0.87
CA VAL A 92 4.89 -15.74 1.48
C VAL A 92 5.36 -16.02 2.91
N GLY A 93 6.66 -15.84 3.14
CA GLY A 93 7.21 -16.07 4.46
C GLY A 93 6.73 -17.31 5.18
N GLY A 94 6.73 -18.46 4.51
CA GLY A 94 6.29 -19.68 5.15
C GLY A 94 4.84 -20.04 4.92
N VAL A 95 4.00 -19.04 4.65
CA VAL A 95 2.58 -19.29 4.39
C VAL A 95 2.42 -19.55 2.90
N SER A 96 1.78 -20.66 2.55
CA SER A 96 1.61 -21.01 1.15
C SER A 96 0.19 -21.43 0.78
N TYR A 97 -0.10 -21.34 -0.51
CA TYR A 97 -1.38 -21.75 -1.07
C TYR A 97 -1.02 -22.28 -2.45
N ASP A 98 -1.45 -23.50 -2.75
CA ASP A 98 -1.12 -24.14 -4.02
C ASP A 98 -1.96 -23.80 -5.23
N SER A 99 -3.12 -23.17 -5.00
CA SER A 99 -4.01 -22.83 -6.11
C SER A 99 -4.30 -21.35 -6.24
N GLN A 100 -3.31 -20.51 -5.96
CA GLN A 100 -3.49 -19.07 -6.06
C GLN A 100 -3.56 -18.62 -7.51
N ALA A 101 -4.50 -17.71 -7.80
CA ALA A 101 -4.63 -17.18 -9.14
C ALA A 101 -3.51 -16.19 -9.36
N VAL A 102 -2.62 -16.48 -10.31
CA VAL A 102 -1.51 -15.60 -10.63
C VAL A 102 -1.82 -14.94 -11.96
N GLU A 103 -1.92 -13.61 -11.96
CA GLU A 103 -2.24 -12.89 -13.18
C GLU A 103 -0.97 -12.50 -13.92
N SER A 104 -0.76 -13.16 -15.05
CA SER A 104 0.40 -12.96 -15.91
C SER A 104 0.23 -11.75 -16.81
N ALA A 105 1.12 -10.78 -16.70
CA ALA A 105 1.05 -9.56 -17.50
C ALA A 105 1.51 -9.73 -18.95
N GLU A 106 0.65 -9.30 -19.88
CA GLU A 106 0.96 -9.34 -21.30
C GLU A 106 1.27 -7.92 -21.74
N LYS A 107 0.76 -6.97 -20.96
CA LYS A 107 0.97 -5.56 -21.20
C LYS A 107 1.14 -4.86 -19.86
N VAL A 108 2.09 -3.93 -19.79
CA VAL A 108 2.34 -3.21 -18.56
C VAL A 108 2.74 -1.78 -18.94
N SER A 109 2.23 -0.80 -18.21
CA SER A 109 2.53 0.60 -18.51
C SER A 109 3.91 1.02 -18.00
N SER A 110 4.39 2.16 -18.46
CA SER A 110 5.71 2.67 -18.10
C SER A 110 6.03 2.86 -16.62
N GLU A 111 5.04 3.23 -15.81
CA GLU A 111 5.30 3.43 -14.39
C GLU A 111 5.92 2.19 -13.73
N PHE A 112 5.48 1.02 -14.18
CA PHE A 112 5.98 -0.24 -13.64
C PHE A 112 7.28 -0.75 -14.26
N THR A 113 7.43 -0.57 -15.57
CA THR A 113 8.62 -1.04 -16.26
C THR A 113 9.90 -0.32 -15.90
N GLN A 114 9.79 0.95 -15.50
CA GLN A 114 10.98 1.71 -15.14
C GLN A 114 11.59 1.30 -13.79
N ASP A 115 10.75 0.99 -12.82
CA ASP A 115 11.24 0.58 -11.50
C ASP A 115 11.56 -0.91 -11.49
N THR A 116 12.82 -1.24 -11.77
CA THR A 116 13.30 -2.62 -11.84
C THR A 116 13.12 -3.48 -10.59
N ALA A 117 12.93 -2.86 -9.44
CA ALA A 117 12.74 -3.61 -8.19
C ALA A 117 11.33 -4.19 -8.07
N ASN A 118 10.39 -3.56 -8.74
CA ASN A 118 8.99 -3.96 -8.71
C ASN A 118 8.70 -4.98 -9.81
N ASP A 119 8.36 -6.20 -9.43
CA ASP A 119 8.07 -7.25 -10.41
C ASP A 119 6.58 -7.60 -10.42
N GLY A 120 5.76 -6.72 -9.85
CA GLY A 120 4.34 -6.97 -9.81
C GLY A 120 3.74 -6.59 -8.47
N LEU A 121 2.43 -6.83 -8.32
CA LEU A 121 1.71 -6.50 -7.09
C LEU A 121 0.98 -7.69 -6.50
N LEU A 122 0.78 -7.65 -5.18
CA LEU A 122 0.03 -8.67 -4.49
C LEU A 122 -1.09 -7.89 -3.78
N GLY A 123 -2.31 -8.06 -4.28
CA GLY A 123 -3.45 -7.34 -3.73
C GLY A 123 -3.98 -7.83 -2.40
N LEU A 124 -4.20 -6.91 -1.48
CA LEU A 124 -4.68 -7.23 -0.15
C LEU A 124 -5.99 -6.54 0.20
N ALA A 125 -6.66 -5.98 -0.80
CA ALA A 125 -7.94 -5.33 -0.59
C ALA A 125 -8.94 -6.50 -0.59
N PHE A 126 -10.23 -6.22 -0.51
CA PHE A 126 -11.20 -7.32 -0.52
C PHE A 126 -11.40 -7.89 -1.92
N SER A 127 -11.50 -9.22 -2.01
CA SER A 127 -11.64 -9.93 -3.28
C SER A 127 -12.81 -9.47 -4.15
N SER A 128 -13.75 -8.75 -3.56
CA SER A 128 -14.91 -8.27 -4.30
C SER A 128 -14.52 -7.37 -5.48
N ILE A 129 -13.30 -6.83 -5.46
CA ILE A 129 -12.86 -5.97 -6.55
C ILE A 129 -11.79 -6.56 -7.46
N ASN A 130 -11.56 -7.86 -7.36
CA ASN A 130 -10.59 -8.53 -8.23
C ASN A 130 -11.14 -8.33 -9.65
N THR A 131 -10.27 -8.09 -10.62
CA THR A 131 -10.71 -7.84 -11.99
C THR A 131 -10.75 -9.01 -12.95
N VAL A 132 -10.46 -10.22 -12.49
CA VAL A 132 -10.47 -11.37 -13.40
C VAL A 132 -11.85 -11.65 -13.98
N GLN A 133 -11.88 -11.97 -15.28
CA GLN A 133 -13.12 -12.29 -15.99
C GLN A 133 -12.96 -13.63 -16.69
N PRO A 134 -14.07 -14.36 -16.92
CA PRO A 134 -15.43 -13.96 -16.53
C PRO A 134 -15.73 -14.13 -15.04
N THR A 135 -14.92 -14.95 -14.36
CA THR A 135 -15.12 -15.19 -12.93
C THR A 135 -14.00 -14.55 -12.09
N PRO A 136 -14.38 -13.71 -11.11
CA PRO A 136 -13.41 -13.04 -10.23
C PRO A 136 -12.69 -14.03 -9.32
N GLN A 137 -11.41 -13.78 -9.05
CA GLN A 137 -10.62 -14.67 -8.21
C GLN A 137 -10.41 -14.10 -6.81
N LYS A 138 -9.97 -14.94 -5.89
CA LYS A 138 -9.74 -14.49 -4.53
C LYS A 138 -8.29 -14.11 -4.28
N THR A 139 -8.08 -13.16 -3.36
CA THR A 139 -6.75 -12.70 -3.03
C THR A 139 -5.99 -13.77 -2.25
N PHE A 140 -4.68 -13.64 -2.17
CA PHE A 140 -3.85 -14.57 -1.43
C PHE A 140 -4.32 -14.64 0.01
N PHE A 141 -4.64 -13.48 0.59
CA PHE A 141 -5.10 -13.44 1.98
C PHE A 141 -6.40 -14.20 2.20
N ASP A 142 -7.38 -13.98 1.33
CA ASP A 142 -8.66 -14.67 1.46
C ASP A 142 -8.51 -16.18 1.34
N ASN A 143 -7.54 -16.63 0.54
CA ASN A 143 -7.31 -18.06 0.35
C ASN A 143 -6.66 -18.74 1.56
N VAL A 144 -5.83 -18.00 2.29
CA VAL A 144 -5.13 -18.60 3.44
C VAL A 144 -5.64 -18.25 4.84
N LYS A 145 -6.43 -17.18 4.96
CA LYS A 145 -6.91 -16.75 6.26
C LYS A 145 -7.54 -17.82 7.14
N SER A 146 -8.22 -18.80 6.55
CA SER A 146 -8.86 -19.85 7.32
C SER A 146 -7.83 -20.80 7.95
N SER A 147 -6.63 -20.83 7.41
CA SER A 147 -5.58 -21.69 7.93
C SER A 147 -4.66 -20.96 8.91
N LEU A 148 -4.87 -19.65 9.06
CA LEU A 148 -4.05 -18.86 9.98
C LEU A 148 -4.59 -18.94 11.40
N SER A 149 -3.71 -18.72 12.38
CA SER A 149 -4.13 -18.75 13.78
C SER A 149 -5.25 -17.73 13.97
N GLU A 150 -5.09 -16.57 13.34
CA GLU A 150 -6.09 -15.50 13.38
C GLU A 150 -6.19 -14.93 11.95
N PRO A 151 -7.42 -14.60 11.50
CA PRO A 151 -7.64 -14.07 10.15
C PRO A 151 -7.22 -12.61 10.03
N ILE A 152 -5.92 -12.36 10.19
CA ILE A 152 -5.40 -11.00 10.14
C ILE A 152 -4.00 -10.94 9.58
N PHE A 153 -3.59 -9.74 9.18
CA PHE A 153 -2.24 -9.48 8.74
C PHE A 153 -1.95 -8.08 9.26
N ALA A 154 -0.72 -7.87 9.70
CA ALA A 154 -0.32 -6.57 10.23
C ALA A 154 0.92 -6.11 9.48
N VAL A 155 1.13 -4.81 9.46
CA VAL A 155 2.27 -4.25 8.76
C VAL A 155 2.99 -3.18 9.56
N ALA A 156 4.31 -3.20 9.46
CA ALA A 156 5.15 -2.21 10.12
C ALA A 156 6.12 -1.72 9.06
N LEU A 157 5.71 -0.72 8.29
CA LEU A 157 6.56 -0.15 7.25
C LEU A 157 7.49 0.83 7.96
N LYS A 158 8.75 0.90 7.52
CA LYS A 158 9.71 1.79 8.15
C LYS A 158 10.31 2.76 7.14
N HIS A 159 10.80 3.88 7.65
CA HIS A 159 11.42 4.90 6.81
C HIS A 159 12.87 4.52 6.55
N ASN A 160 13.19 4.29 5.28
CA ASN A 160 14.54 3.94 4.86
C ASN A 160 15.18 2.84 5.70
N ALA A 161 14.40 1.80 5.99
CA ALA A 161 14.87 0.68 6.79
C ALA A 161 13.95 -0.53 6.60
N PRO A 162 14.45 -1.75 6.92
CA PRO A 162 13.63 -2.95 6.76
C PRO A 162 12.43 -2.96 7.70
N GLY A 163 11.30 -3.43 7.18
CA GLY A 163 10.07 -3.50 7.95
C GLY A 163 9.51 -4.91 7.87
N VAL A 164 8.26 -5.09 8.27
CA VAL A 164 7.68 -6.43 8.24
C VAL A 164 6.19 -6.49 7.99
N TYR A 165 5.77 -7.64 7.48
CA TYR A 165 4.38 -7.97 7.23
C TYR A 165 4.17 -9.22 8.05
N ASP A 166 3.22 -9.20 8.97
CA ASP A 166 2.91 -10.36 9.80
C ASP A 166 1.60 -10.98 9.35
N PHE A 167 1.58 -12.31 9.24
CA PHE A 167 0.36 -13.00 8.84
C PHE A 167 -0.09 -13.96 9.94
N GLY A 168 -1.34 -13.80 10.37
CA GLY A 168 -1.88 -14.70 11.38
C GLY A 168 -1.66 -14.32 12.83
N TYR A 169 -0.94 -13.23 13.09
CA TYR A 169 -0.68 -12.82 14.47
C TYR A 169 -0.12 -11.41 14.53
N THR A 170 -0.08 -10.86 15.74
CA THR A 170 0.49 -9.53 15.96
C THR A 170 1.76 -9.75 16.79
N ASP A 171 2.83 -9.07 16.39
CA ASP A 171 4.14 -9.20 17.04
C ASP A 171 4.33 -8.09 18.08
N SER A 172 4.16 -8.44 19.36
CA SER A 172 4.29 -7.47 20.45
C SER A 172 5.63 -6.76 20.56
N SER A 173 6.64 -7.25 19.85
CA SER A 173 7.95 -6.61 19.89
C SER A 173 8.05 -5.53 18.83
N LYS A 174 7.00 -5.39 18.02
CA LYS A 174 6.98 -4.39 16.95
C LYS A 174 6.18 -3.13 17.29
N TYR A 175 5.48 -3.13 18.42
CA TYR A 175 4.70 -1.96 18.81
C TYR A 175 4.69 -1.79 20.33
N THR A 176 4.36 -0.57 20.77
CA THR A 176 4.29 -0.28 22.19
C THR A 176 2.86 0.08 22.56
N GLY A 177 2.51 -0.12 23.82
CA GLY A 177 1.16 0.18 24.28
C GLY A 177 0.19 -0.87 23.79
N SER A 178 -1.07 -0.50 23.64
CA SER A 178 -2.08 -1.45 23.17
C SER A 178 -2.62 -1.04 21.80
N ILE A 179 -3.29 -1.98 21.13
CA ILE A 179 -3.86 -1.73 19.82
C ILE A 179 -5.27 -1.14 19.97
N THR A 180 -5.55 -0.06 19.25
CA THR A 180 -6.86 0.56 19.27
C THR A 180 -7.54 0.25 17.93
N TYR A 181 -8.75 -0.30 18.00
CA TYR A 181 -9.49 -0.68 16.80
C TYR A 181 -10.60 0.29 16.40
N THR A 182 -10.93 0.28 15.12
CA THR A 182 -12.00 1.10 14.58
C THR A 182 -12.69 0.27 13.49
N ASP A 183 -13.99 0.48 13.31
CA ASP A 183 -14.75 -0.28 12.30
C ASP A 183 -14.31 0.01 10.88
N VAL A 184 -14.40 -1.00 10.03
CA VAL A 184 -14.02 -0.87 8.62
C VAL A 184 -15.20 -0.91 7.68
N ASP A 185 -15.19 -0.02 6.69
CA ASP A 185 -16.26 0.01 5.68
C ASP A 185 -15.67 -0.56 4.41
N ASN A 186 -16.03 -1.80 4.09
CA ASN A 186 -15.51 -2.46 2.90
C ASN A 186 -16.55 -2.50 1.77
N SER A 187 -17.48 -1.56 1.78
CA SER A 187 -18.52 -1.52 0.75
C SER A 187 -17.97 -1.29 -0.65
N GLN A 188 -16.83 -0.63 -0.76
CA GLN A 188 -16.23 -0.36 -2.06
C GLN A 188 -15.01 -1.25 -2.34
N GLY A 189 -14.82 -2.25 -1.49
CA GLY A 189 -13.71 -3.17 -1.67
C GLY A 189 -12.42 -2.79 -0.98
N PHE A 190 -12.39 -1.62 -0.33
CA PHE A 190 -11.17 -1.15 0.34
C PHE A 190 -11.26 -1.24 1.86
N TRP A 191 -10.13 -0.98 2.52
CA TRP A 191 -10.10 -0.96 3.97
C TRP A 191 -10.39 0.49 4.37
N GLY A 192 -11.66 0.86 4.24
CA GLY A 192 -12.07 2.22 4.58
C GLY A 192 -12.39 2.40 6.05
N PHE A 193 -12.08 3.58 6.56
CA PHE A 193 -12.36 3.90 7.94
C PHE A 193 -12.53 5.40 8.12
N THR A 194 -12.92 5.82 9.31
CA THR A 194 -13.12 7.23 9.58
C THR A 194 -12.37 7.62 10.86
N ALA A 195 -11.53 8.63 10.77
CA ALA A 195 -10.78 9.11 11.92
C ALA A 195 -11.65 10.17 12.60
N ASP A 196 -11.63 10.19 13.93
CA ASP A 196 -12.46 11.13 14.68
C ASP A 196 -11.98 12.58 14.72
N GLY A 197 -10.78 12.83 14.21
CA GLY A 197 -10.27 14.19 14.22
C GLY A 197 -8.81 14.25 13.80
N TYR A 198 -8.22 15.44 13.83
CA TYR A 198 -6.82 15.59 13.44
C TYR A 198 -6.19 16.79 14.12
N SER A 199 -4.85 16.83 14.09
CA SER A 199 -4.11 17.91 14.70
C SER A 199 -2.93 18.35 13.83
N ILE A 200 -2.80 19.66 13.64
CA ILE A 200 -1.70 20.22 12.89
C ILE A 200 -0.83 20.81 13.99
N GLY A 201 0.25 20.10 14.33
CA GLY A 201 1.07 20.58 15.43
C GLY A 201 0.19 20.33 16.65
N SER A 202 -0.09 21.39 17.41
CA SER A 202 -0.94 21.24 18.59
C SER A 202 -2.35 21.77 18.37
N ASP A 203 -2.62 22.25 17.16
CA ASP A 203 -3.96 22.76 16.83
C ASP A 203 -4.82 21.56 16.44
N SER A 204 -5.65 21.09 17.38
CA SER A 204 -6.50 19.94 17.11
C SER A 204 -7.89 20.33 16.63
N SER A 205 -8.43 19.53 15.72
CA SER A 205 -9.75 19.76 15.15
C SER A 205 -10.65 18.55 15.40
N SER A 206 -11.93 18.81 15.60
CA SER A 206 -12.90 17.75 15.84
C SER A 206 -13.48 17.26 14.51
N ASP A 207 -12.99 17.83 13.42
CA ASP A 207 -13.45 17.47 12.09
C ASP A 207 -13.11 16.01 11.80
N SER A 208 -14.05 15.30 11.20
CA SER A 208 -13.88 13.89 10.86
C SER A 208 -13.23 13.71 9.48
N ILE A 209 -12.53 12.60 9.32
CA ILE A 209 -11.88 12.29 8.04
C ILE A 209 -12.19 10.84 7.66
N THR A 210 -12.74 10.65 6.46
CA THR A 210 -13.06 9.33 5.97
C THR A 210 -12.16 9.00 4.79
N GLY A 211 -11.52 7.83 4.83
CA GLY A 211 -10.65 7.44 3.75
C GLY A 211 -10.26 5.98 3.84
N ILE A 212 -9.22 5.58 3.09
CA ILE A 212 -8.79 4.19 3.11
C ILE A 212 -7.32 4.04 3.51
N ALA A 213 -6.99 2.89 4.09
CA ALA A 213 -5.62 2.58 4.48
C ALA A 213 -5.02 1.88 3.27
N ASP A 214 -4.06 2.51 2.61
CA ASP A 214 -3.48 1.94 1.41
C ASP A 214 -1.95 1.87 1.40
N THR A 215 -1.42 0.66 1.59
CA THR A 215 0.03 0.45 1.58
C THR A 215 0.59 0.72 0.18
N GLY A 216 -0.28 0.67 -0.82
CA GLY A 216 0.12 0.90 -2.20
C GLY A 216 0.14 2.35 -2.68
N THR A 217 -0.12 3.28 -1.78
CA THR A 217 -0.08 4.70 -2.11
C THR A 217 1.06 5.34 -1.32
N THR A 218 1.88 6.11 -2.02
CA THR A 218 3.04 6.75 -1.41
C THR A 218 2.80 7.82 -0.35
N LEU A 219 1.95 8.79 -0.71
CA LEU A 219 1.69 9.92 0.16
C LEU A 219 0.45 9.85 1.03
N LEU A 220 0.25 10.91 1.81
CA LEU A 220 -0.93 11.05 2.66
C LEU A 220 -1.74 12.09 1.90
N LEU A 221 -2.85 11.67 1.30
CA LEU A 221 -3.69 12.56 0.50
C LEU A 221 -4.99 12.92 1.22
N LEU A 222 -5.16 14.22 1.49
CA LEU A 222 -6.34 14.69 2.23
C LEU A 222 -7.05 15.84 1.53
N ASP A 223 -8.14 16.31 2.15
CA ASP A 223 -8.93 17.42 1.63
C ASP A 223 -8.10 18.69 1.54
N ASP A 224 -8.38 19.51 0.53
CA ASP A 224 -7.67 20.77 0.33
C ASP A 224 -7.68 21.70 1.53
N SER A 225 -8.78 21.71 2.27
CA SER A 225 -8.88 22.59 3.44
C SER A 225 -7.85 22.19 4.50
N ILE A 226 -7.62 20.89 4.66
CA ILE A 226 -6.65 20.41 5.63
C ILE A 226 -5.25 20.63 5.10
N VAL A 227 -5.05 20.32 3.83
CA VAL A 227 -3.75 20.49 3.20
C VAL A 227 -3.33 21.96 3.30
N ASP A 228 -4.19 22.87 2.90
CA ASP A 228 -3.90 24.31 2.96
C ASP A 228 -3.58 24.74 4.38
N ALA A 229 -4.36 24.26 5.33
CA ALA A 229 -4.17 24.59 6.73
C ALA A 229 -2.80 24.11 7.23
N TYR A 230 -2.37 22.95 6.76
CA TYR A 230 -1.08 22.41 7.19
C TYR A 230 0.09 23.29 6.73
N TYR A 231 0.10 23.62 5.45
CA TYR A 231 1.18 24.43 4.91
C TYR A 231 1.16 25.90 5.30
N GLU A 232 0.07 26.35 5.91
CA GLU A 232 0.00 27.74 6.36
C GLU A 232 0.94 27.89 7.54
N GLN A 233 1.27 26.77 8.18
CA GLN A 233 2.17 26.74 9.33
C GLN A 233 3.61 26.46 8.90
N VAL A 234 3.82 26.35 7.59
CA VAL A 234 5.15 26.09 7.04
C VAL A 234 5.61 27.31 6.27
N ASN A 235 6.45 28.12 6.90
CA ASN A 235 6.96 29.33 6.25
C ASN A 235 7.71 29.03 4.96
N GLY A 236 7.36 29.75 3.90
CA GLY A 236 8.01 29.56 2.62
C GLY A 236 7.30 28.58 1.69
N ALA A 237 6.33 27.86 2.23
CA ALA A 237 5.58 26.87 1.44
C ALA A 237 4.67 27.51 0.40
N SER A 238 4.55 26.85 -0.75
CA SER A 238 3.71 27.34 -1.83
C SER A 238 3.41 26.19 -2.79
N TYR A 239 2.30 26.31 -3.52
CA TYR A 239 1.92 25.28 -4.48
C TYR A 239 2.76 25.43 -5.73
N ASP A 240 3.37 24.34 -6.17
CA ASP A 240 4.20 24.36 -7.37
C ASP A 240 3.48 23.60 -8.47
N SER A 241 3.03 24.34 -9.48
CA SER A 241 2.30 23.77 -10.60
C SER A 241 3.10 22.76 -11.42
N SER A 242 4.40 23.00 -11.58
CA SER A 242 5.24 22.10 -12.35
C SER A 242 5.41 20.73 -11.69
N GLN A 243 5.58 20.73 -10.38
CA GLN A 243 5.76 19.47 -9.65
C GLN A 243 4.41 18.87 -9.23
N GLY A 244 3.36 19.66 -9.30
CA GLY A 244 2.04 19.16 -8.93
C GLY A 244 1.76 19.02 -7.45
N GLY A 245 2.30 19.93 -6.64
CA GLY A 245 2.05 19.86 -5.22
C GLY A 245 2.73 20.96 -4.43
N TYR A 246 2.53 20.93 -3.12
CA TYR A 246 3.14 21.92 -2.23
C TYR A 246 4.61 21.59 -2.02
N VAL A 247 5.44 22.62 -2.01
CA VAL A 247 6.88 22.49 -1.79
C VAL A 247 7.25 23.56 -0.77
N PHE A 248 8.44 23.46 -0.20
CA PHE A 248 8.89 24.42 0.80
C PHE A 248 10.40 24.36 0.99
N PRO A 249 10.98 25.43 1.55
CA PRO A 249 12.44 25.45 1.76
C PRO A 249 12.84 24.21 2.56
N SER A 250 13.89 23.54 2.10
CA SER A 250 14.37 22.33 2.76
C SER A 250 14.76 22.57 4.22
N SER A 251 15.02 23.83 4.56
CA SER A 251 15.40 24.19 5.92
C SER A 251 14.21 24.48 6.81
N ALA A 252 13.02 24.54 6.21
CA ALA A 252 11.80 24.83 6.95
C ALA A 252 11.48 23.81 8.03
N SER A 253 10.89 24.30 9.12
CA SER A 253 10.48 23.48 10.25
C SER A 253 9.08 22.93 9.96
N LEU A 254 8.93 21.61 10.02
CA LEU A 254 7.65 20.97 9.72
C LEU A 254 6.92 20.46 10.96
N PRO A 255 5.67 20.88 11.17
CA PRO A 255 4.94 20.41 12.34
C PRO A 255 4.44 18.98 12.16
N ASP A 256 4.23 18.29 13.28
CA ASP A 256 3.72 16.92 13.26
C ASP A 256 2.27 16.98 12.79
N PHE A 257 1.79 15.87 12.20
CA PHE A 257 0.39 15.79 11.78
C PHE A 257 -0.18 14.56 12.47
N SER A 258 -1.31 14.72 13.15
CA SER A 258 -1.90 13.59 13.86
C SER A 258 -3.37 13.35 13.50
N VAL A 259 -3.81 12.10 13.65
CA VAL A 259 -5.19 11.75 13.40
C VAL A 259 -5.67 11.05 14.66
N THR A 260 -6.88 11.38 15.09
CA THR A 260 -7.43 10.77 16.28
C THR A 260 -8.32 9.58 15.94
N ILE A 261 -8.00 8.43 16.52
CA ILE A 261 -8.78 7.23 16.31
C ILE A 261 -9.21 6.77 17.70
N GLY A 262 -10.41 7.14 18.09
CA GLY A 262 -10.90 6.79 19.41
C GLY A 262 -10.14 7.61 20.43
N ASP A 263 -9.54 6.93 21.40
CA ASP A 263 -8.77 7.60 22.44
C ASP A 263 -7.28 7.57 22.07
N TYR A 264 -6.98 7.06 20.89
CA TYR A 264 -5.60 6.96 20.43
C TYR A 264 -5.24 8.05 19.41
N THR A 265 -4.03 8.58 19.55
CA THR A 265 -3.54 9.60 18.64
C THR A 265 -2.40 9.05 17.80
N ALA A 266 -2.64 8.94 16.49
CA ALA A 266 -1.62 8.42 15.58
C ALA A 266 -0.89 9.63 15.01
N THR A 267 0.38 9.78 15.40
CA THR A 267 1.16 10.92 14.97
C THR A 267 2.20 10.65 13.90
N VAL A 268 2.19 11.50 12.87
CA VAL A 268 3.15 11.42 11.79
C VAL A 268 4.23 12.46 12.09
N PRO A 269 5.49 12.02 12.29
CA PRO A 269 6.56 12.98 12.58
C PRO A 269 6.74 13.96 11.44
N GLY A 270 6.95 15.23 11.77
CA GLY A 270 7.15 16.24 10.74
C GLY A 270 8.27 15.86 9.79
N GLU A 271 9.28 15.19 10.32
CA GLU A 271 10.42 14.76 9.51
C GLU A 271 10.01 13.88 8.34
N TYR A 272 8.94 13.11 8.50
CA TYR A 272 8.47 12.24 7.41
C TYR A 272 7.71 13.00 6.34
N ILE A 273 7.30 14.24 6.65
CA ILE A 273 6.57 15.05 5.70
C ILE A 273 7.52 15.65 4.67
N SER A 274 8.81 15.60 4.98
CA SER A 274 9.84 16.08 4.05
C SER A 274 10.03 14.88 3.12
N PHE A 275 9.27 14.84 2.03
CA PHE A 275 9.32 13.70 1.11
C PHE A 275 10.46 13.55 0.11
N ALA A 276 10.70 14.55 -0.73
CA ALA A 276 11.77 14.44 -1.73
C ALA A 276 12.31 15.79 -2.20
N ASP A 277 13.55 15.78 -2.67
CA ASP A 277 14.19 16.99 -3.18
C ASP A 277 13.61 17.36 -4.55
N VAL A 278 13.40 18.65 -4.78
CA VAL A 278 12.88 19.11 -6.07
C VAL A 278 13.74 20.25 -6.63
N GLY A 279 14.95 20.39 -6.10
CA GLY A 279 15.85 21.42 -6.58
C GLY A 279 15.62 22.79 -5.99
N ASN A 280 16.54 23.71 -6.27
CA ASN A 280 16.44 25.08 -5.76
C ASN A 280 16.35 25.13 -4.24
N GLY A 281 16.86 24.10 -3.58
CA GLY A 281 16.83 24.06 -2.13
C GLY A 281 15.44 23.86 -1.56
N GLN A 282 14.53 23.30 -2.36
CA GLN A 282 13.17 23.08 -1.92
C GLN A 282 12.82 21.59 -1.82
N THR A 283 11.84 21.28 -0.98
CA THR A 283 11.40 19.92 -0.74
C THR A 283 9.91 19.73 -1.07
N PHE A 284 9.57 18.57 -1.62
CA PHE A 284 8.18 18.24 -1.96
C PHE A 284 7.55 17.64 -0.71
N GLY A 285 6.37 18.12 -0.32
CA GLY A 285 5.70 17.64 0.87
C GLY A 285 5.09 16.25 0.84
N GLY A 286 5.05 15.60 1.99
CA GLY A 286 4.50 14.26 2.11
C GLY A 286 2.98 14.27 2.18
N ILE A 287 2.42 15.46 2.43
CA ILE A 287 0.97 15.63 2.50
C ILE A 287 0.53 16.46 1.28
N GLN A 288 -0.39 15.91 0.49
CA GLN A 288 -0.89 16.61 -0.69
C GLN A 288 -2.40 16.41 -0.81
N SER A 289 -3.02 17.09 -1.78
CA SER A 289 -4.46 17.02 -2.00
C SER A 289 -5.01 15.73 -2.60
N ASN A 290 -6.21 15.35 -2.17
CA ASN A 290 -6.87 14.15 -2.69
C ASN A 290 -7.79 14.55 -3.85
N SER A 291 -7.62 15.78 -4.33
CA SER A 291 -8.43 16.32 -5.41
C SER A 291 -8.82 15.32 -6.51
N GLY A 292 -10.13 15.13 -6.68
CA GLY A 292 -10.62 14.21 -7.69
C GLY A 292 -10.95 12.83 -7.16
N ILE A 293 -10.05 12.29 -6.33
CA ILE A 293 -10.23 10.96 -5.75
C ILE A 293 -11.60 10.81 -5.11
N GLY A 294 -12.05 11.84 -4.40
CA GLY A 294 -13.36 11.78 -3.76
C GLY A 294 -13.28 11.40 -2.29
N PHE A 295 -12.12 10.91 -1.88
CA PHE A 295 -11.90 10.51 -0.50
C PHE A 295 -10.42 10.55 -0.16
N SER A 296 -10.11 10.52 1.12
CA SER A 296 -8.72 10.59 1.56
C SER A 296 -8.01 9.24 1.52
N ILE A 297 -6.70 9.28 1.29
CA ILE A 297 -5.91 8.05 1.25
C ILE A 297 -4.76 8.14 2.24
N PHE A 298 -4.79 7.26 3.23
CA PHE A 298 -3.73 7.21 4.22
C PHE A 298 -2.68 6.27 3.66
N GLY A 299 -1.73 6.85 2.94
CA GLY A 299 -0.65 6.09 2.31
C GLY A 299 0.54 5.84 3.22
N ASP A 300 1.66 5.48 2.60
CA ASP A 300 2.88 5.14 3.34
C ASP A 300 3.41 6.24 4.25
N VAL A 301 3.31 7.49 3.83
CA VAL A 301 3.78 8.59 4.66
C VAL A 301 3.17 8.48 6.06
N PHE A 302 1.91 8.10 6.11
CA PHE A 302 1.19 7.94 7.38
C PHE A 302 1.47 6.58 8.03
N LEU A 303 1.32 5.52 7.25
CA LEU A 303 1.51 4.17 7.74
C LEU A 303 2.88 3.85 8.31
N LYS A 304 3.93 4.50 7.80
CA LYS A 304 5.28 4.21 8.28
C LYS A 304 5.57 4.61 9.72
N SER A 305 4.59 5.21 10.40
CA SER A 305 4.77 5.60 11.80
C SER A 305 3.92 4.73 12.71
N GLN A 306 3.18 3.81 12.12
CA GLN A 306 2.29 2.95 12.88
C GLN A 306 2.44 1.46 12.59
N TYR A 307 1.91 0.65 13.50
CA TYR A 307 1.87 -0.81 13.35
C TYR A 307 0.36 -0.94 13.12
N VAL A 308 -0.01 -1.33 11.92
CA VAL A 308 -1.42 -1.44 11.54
C VAL A 308 -1.89 -2.89 11.37
N VAL A 309 -3.02 -3.20 11.99
CA VAL A 309 -3.59 -4.55 11.95
C VAL A 309 -4.85 -4.56 11.07
N PHE A 310 -4.85 -5.39 10.04
CA PHE A 310 -5.99 -5.53 9.14
C PHE A 310 -6.68 -6.83 9.56
N ASP A 311 -7.80 -6.66 10.28
CA ASP A 311 -8.57 -7.78 10.82
C ASP A 311 -9.81 -8.10 10.01
N ALA A 312 -9.81 -9.25 9.34
CA ALA A 312 -10.95 -9.63 8.50
C ALA A 312 -12.14 -10.16 9.28
N SER A 313 -11.98 -10.45 10.56
CA SER A 313 -13.07 -10.98 11.36
C SER A 313 -14.19 -9.94 11.58
N GLY A 314 -13.82 -8.67 11.54
CA GLY A 314 -14.80 -7.62 11.73
C GLY A 314 -15.64 -7.30 10.51
N PRO A 315 -15.07 -6.66 9.48
CA PRO A 315 -13.67 -6.20 9.38
C PRO A 315 -13.40 -5.01 10.29
N ARG A 316 -12.18 -4.94 10.80
CA ARG A 316 -11.77 -3.86 11.69
C ARG A 316 -10.30 -3.56 11.42
N LEU A 317 -9.88 -2.35 11.74
CA LEU A 317 -8.50 -1.91 11.57
C LEU A 317 -7.95 -1.53 12.94
N GLY A 318 -6.72 -1.94 13.21
CA GLY A 318 -6.10 -1.63 14.50
C GLY A 318 -4.84 -0.80 14.33
N PHE A 319 -4.60 0.11 15.28
CA PHE A 319 -3.41 0.96 15.23
C PHE A 319 -2.67 0.98 16.56
N ALA A 320 -1.34 1.05 16.46
CA ALA A 320 -0.50 1.11 17.64
C ALA A 320 0.79 1.81 17.22
N ALA A 321 1.48 2.43 18.17
CA ALA A 321 2.73 3.11 17.86
C ALA A 321 3.82 2.05 17.63
N GLN A 322 4.71 2.29 16.68
CA GLN A 322 5.78 1.32 16.42
C GLN A 322 6.77 1.38 17.56
N ALA A 323 7.40 0.24 17.85
CA ALA A 323 8.38 0.16 18.93
C ALA A 323 9.74 0.67 18.48
CA IVA B 1 4.46 9.09 -5.75
CB IVA B 1 5.27 10.10 -6.57
CG1 IVA B 1 6.09 9.35 -7.62
CG2 IVA B 1 6.18 10.92 -5.67
C IVA B 1 3.49 8.29 -6.59
O IVA B 1 3.10 8.70 -7.69
N VAL B 2 3.08 7.14 -6.07
CA VAL B 2 2.15 6.29 -6.79
C VAL B 2 0.84 6.16 -6.01
N VAL B 3 -0.20 5.72 -6.69
CA VAL B 3 -1.51 5.54 -6.08
C VAL B 3 -2.07 4.26 -6.70
N STA B 4 -2.04 3.17 -5.93
CA STA B 4 -2.50 1.87 -6.40
CB STA B 4 -1.31 0.92 -6.55
CG STA B 4 -0.05 1.50 -7.23
CD1 STA B 4 -0.29 1.84 -8.70
CD2 STA B 4 1.12 0.54 -7.10
CH STA B 4 -3.56 1.25 -5.45
OH STA B 4 -3.05 1.24 -4.11
CM STA B 4 -4.86 2.06 -5.49
C STA B 4 -5.66 1.82 -6.77
O STA B 4 -5.52 2.58 -7.73
N ALA B 5 -6.47 0.77 -6.79
CA ALA B 5 -7.29 0.49 -7.96
C ALA B 5 -8.56 1.33 -7.91
N STA B 6 -8.44 2.59 -8.34
CA STA B 6 -9.57 3.52 -8.33
CB STA B 6 -9.25 4.75 -7.49
CG STA B 6 -8.16 4.63 -6.42
CD1 STA B 6 -8.70 3.93 -5.18
CD2 STA B 6 -7.59 5.99 -6.06
CH STA B 6 -9.99 3.93 -9.76
OH STA B 6 -8.85 3.94 -10.62
CM STA B 6 -11.06 2.97 -10.31
C STA B 6 -10.58 2.16 -11.50
O STA B 6 -10.91 2.54 -12.64
OXT STA B 6 -10.17 1.01 -11.28
C1 MAN C . 4.33 -17.56 12.99
C2 MAN C . 5.47 -18.58 12.85
C3 MAN C . 5.54 -19.47 14.07
C4 MAN C . 5.63 -18.64 15.34
C5 MAN C . 4.50 -17.59 15.38
C6 MAN C . 4.62 -16.65 16.55
O2 MAN C . 6.71 -17.89 12.69
O3 MAN C . 6.68 -20.32 13.99
O4 MAN C . 5.54 -19.47 16.49
O5 MAN C . 4.53 -16.79 14.18
O6 MAN C . 5.72 -15.77 16.40
#